data_2D43
#
_entry.id   2D43
#
_cell.length_a   39.482
_cell.length_b   98.750
_cell.length_c   144.473
_cell.angle_alpha   90.00
_cell.angle_beta   90.00
_cell.angle_gamma   90.00
#
_symmetry.space_group_name_H-M   'P 21 21 21'
#
loop_
_entity.id
_entity.type
_entity.pdbx_description
1 polymer 'alpha-L-arabinofuranosidase B'
2 branched 2-acetamido-2-deoxy-beta-D-glucopyranose-(1-4)-2-acetamido-2-deoxy-beta-D-glucopyranose
3 branched alpha-L-arabinofuranose-(1-5)-alpha-L-arabinofuranose
4 water water
#
_entity_poly.entity_id   1
_entity_poly.type   'polypeptide(L)'
_entity_poly.pdbx_seq_one_letter_code
;MGPCDIYEAGDTPCVAAHSTTRALYSSFSGALYQLQRGSDDTTTTISPLTAGGIADASAQDTFCANTTCLITIIYDQSGN
GNHLTQAPPGGFDGPDTDGYDNLASAIGAPVTLNGQKAYGVFMSPGTGYRNNEATGTATGDEAEGMYAVLDGTHYNDACC
FDYGNAETSSTDTGAGHMEAIYLGNSTTWGYGAGDGPWIMVDMANNLFSGADEGYNSGDPSISYRFVTAAVKGGADKWAI
RGANAASGSLSTYYSGARPDYSGYNPMSKEGAIILGIGGDNSNGAQGTFYEGVMTSGYPSDDTENSVQENIVAAKYVVGS
LVSGPSFTSGEVVSLRVTTPGYTTRYIAHTDTTVNTQVVDDDSSTTLKEEASWTVVTGLANSQCFSFESVDTPGSYIRHY
NFELLLNANDGTKQFHEDATFCPQAALNGEGTSLRSWSYPTRYFRHYENVLYAASNGGVQTFDSKTSFNNDVSFEIETAF
AS
;
_entity_poly.pdbx_strand_id   A
#
# COMPACT_ATOMS: atom_id res chain seq x y z
N MET A 1 -9.10 19.29 -18.43
CA MET A 1 -7.69 18.82 -18.50
C MET A 1 -7.29 17.96 -17.31
N GLY A 2 -6.52 16.90 -17.56
CA GLY A 2 -6.04 16.03 -16.50
C GLY A 2 -4.58 16.40 -16.24
N PRO A 3 -3.97 15.87 -15.17
CA PRO A 3 -2.57 16.19 -14.87
C PRO A 3 -1.65 16.28 -16.08
N CYS A 4 -1.59 15.22 -16.87
CA CYS A 4 -0.71 15.20 -18.03
C CYS A 4 -1.04 16.22 -19.13
N ASP A 5 -2.29 16.70 -19.15
CA ASP A 5 -2.64 17.71 -20.13
C ASP A 5 -1.92 18.98 -19.71
N ILE A 6 -2.03 19.28 -18.42
CA ILE A 6 -1.39 20.46 -17.84
C ILE A 6 0.12 20.39 -18.05
N TYR A 7 0.70 19.22 -17.83
CA TYR A 7 2.14 19.05 -18.03
C TYR A 7 2.54 19.25 -19.49
N GLU A 8 1.66 18.87 -20.41
CA GLU A 8 1.91 19.01 -21.84
C GLU A 8 1.90 20.50 -22.16
N ALA A 9 0.87 21.19 -21.68
CA ALA A 9 0.74 22.62 -21.90
C ALA A 9 1.98 23.36 -21.41
N GLY A 10 2.66 22.79 -20.42
CA GLY A 10 3.84 23.44 -19.90
C GLY A 10 5.12 23.04 -20.58
N ASP A 11 5.03 22.26 -21.65
CA ASP A 11 6.21 21.80 -22.39
C ASP A 11 7.06 20.80 -21.62
N THR A 12 6.46 20.14 -20.63
CA THR A 12 7.17 19.14 -19.84
C THR A 12 6.21 17.97 -19.74
N PRO A 13 6.01 17.27 -20.85
CA PRO A 13 5.13 16.11 -21.02
C PRO A 13 5.44 14.89 -20.15
N CYS A 14 4.40 14.11 -19.88
CA CYS A 14 4.53 12.89 -19.11
C CYS A 14 5.20 11.88 -20.05
N VAL A 15 6.04 11.00 -19.51
CA VAL A 15 6.64 9.95 -20.32
C VAL A 15 6.15 8.67 -19.68
N ALA A 16 5.51 8.81 -18.52
CA ALA A 16 4.96 7.68 -17.80
C ALA A 16 3.84 8.23 -16.96
N ALA A 17 2.70 7.56 -16.96
CA ALA A 17 1.55 8.02 -16.19
C ALA A 17 0.85 6.83 -15.58
N HIS A 18 0.78 6.80 -14.24
CA HIS A 18 0.16 5.68 -13.56
C HIS A 18 -0.92 6.06 -12.54
N SER A 19 -1.99 5.28 -12.52
CA SER A 19 -3.08 5.48 -11.57
C SER A 19 -4.18 4.43 -11.72
N THR A 20 -4.55 3.80 -10.59
CA THR A 20 -5.59 2.79 -10.59
C THR A 20 -6.93 3.43 -10.24
N THR A 21 -6.91 4.73 -9.96
CA THR A 21 -8.13 5.44 -9.60
C THR A 21 -8.76 6.27 -10.71
N ARG A 22 -7.94 6.87 -11.57
CA ARG A 22 -8.51 7.71 -12.63
C ARG A 22 -7.59 7.97 -13.84
N ALA A 23 -8.18 8.48 -14.91
CA ALA A 23 -7.42 8.80 -16.10
C ALA A 23 -6.63 10.05 -15.79
N LEU A 24 -5.41 10.12 -16.31
CA LEU A 24 -4.56 11.26 -16.07
C LEU A 24 -4.62 12.21 -17.28
N TYR A 25 -5.22 11.73 -18.36
CA TYR A 25 -5.40 12.50 -19.58
C TYR A 25 -6.90 12.57 -19.77
N SER A 26 -7.41 13.73 -20.19
CA SER A 26 -8.84 13.90 -20.39
C SER A 26 -9.38 12.96 -21.46
N SER A 27 -8.57 12.69 -22.48
CA SER A 27 -9.01 11.82 -23.57
C SER A 27 -8.66 10.34 -23.41
N PHE A 28 -8.13 9.95 -22.26
CA PHE A 28 -7.77 8.56 -22.04
C PHE A 28 -8.98 7.71 -21.67
N SER A 29 -9.13 6.57 -22.34
CA SER A 29 -10.25 5.66 -22.09
C SER A 29 -9.81 4.20 -22.09
N GLY A 30 -8.50 3.98 -22.16
CA GLY A 30 -7.99 2.63 -22.17
C GLY A 30 -7.98 1.97 -20.80
N ALA A 31 -7.30 0.85 -20.70
CA ALA A 31 -7.21 0.12 -19.45
C ALA A 31 -6.29 0.85 -18.48
N LEU A 32 -6.70 0.92 -17.22
CA LEU A 32 -5.94 1.59 -16.16
C LEU A 32 -4.99 0.60 -15.51
N TYR A 33 -5.54 -0.55 -15.14
CA TYR A 33 -4.73 -1.59 -14.53
C TYR A 33 -5.34 -2.95 -14.85
N GLN A 34 -4.67 -4.00 -14.39
CA GLN A 34 -5.15 -5.36 -14.60
C GLN A 34 -5.30 -6.06 -13.25
N LEU A 35 -6.32 -6.92 -13.17
CA LEU A 35 -6.62 -7.69 -11.98
C LEU A 35 -6.39 -9.18 -12.25
N GLN A 36 -6.49 -9.98 -11.20
CA GLN A 36 -6.35 -11.43 -11.28
C GLN A 36 -6.82 -12.02 -9.96
N ARG A 37 -7.94 -12.74 -10.01
CA ARG A 37 -8.52 -13.35 -8.82
C ARG A 37 -7.88 -14.71 -8.53
N GLY A 38 -7.81 -15.05 -7.25
CA GLY A 38 -7.21 -16.32 -6.86
C GLY A 38 -8.09 -17.51 -7.18
N SER A 39 -9.38 -17.24 -7.42
CA SER A 39 -10.32 -18.30 -7.74
C SER A 39 -9.84 -19.19 -8.88
N ASP A 40 -9.67 -18.59 -10.06
CA ASP A 40 -9.22 -19.33 -11.24
C ASP A 40 -7.97 -18.75 -11.91
N ASP A 41 -7.37 -17.75 -11.30
CA ASP A 41 -6.19 -17.13 -11.86
C ASP A 41 -6.45 -16.38 -13.16
N THR A 42 -7.70 -16.21 -13.54
CA THR A 42 -8.02 -15.48 -14.76
C THR A 42 -7.89 -13.99 -14.46
N THR A 43 -7.70 -13.17 -15.50
CA THR A 43 -7.56 -11.73 -15.31
C THR A 43 -8.64 -10.90 -15.97
N THR A 44 -8.46 -9.58 -15.92
CA THR A 44 -9.39 -8.62 -16.53
C THR A 44 -8.85 -7.22 -16.27
N THR A 45 -9.20 -6.28 -17.14
CA THR A 45 -8.74 -4.92 -16.97
C THR A 45 -9.88 -4.00 -16.54
N ILE A 46 -9.51 -2.96 -15.79
CA ILE A 46 -10.46 -1.97 -15.31
C ILE A 46 -10.11 -0.67 -16.04
N SER A 47 -11.13 -0.02 -16.59
CA SER A 47 -10.91 1.24 -17.32
C SER A 47 -11.75 2.35 -16.72
N PRO A 48 -11.63 3.58 -17.24
CA PRO A 48 -12.42 4.70 -16.70
C PRO A 48 -13.86 4.55 -17.18
N LEU A 49 -14.81 5.01 -16.35
CA LEU A 49 -16.22 4.93 -16.70
C LEU A 49 -16.42 5.65 -18.03
N THR A 50 -15.73 6.77 -18.18
CA THR A 50 -15.79 7.56 -19.39
C THR A 50 -14.43 8.22 -19.63
N ALA A 51 -14.16 8.59 -20.88
CA ALA A 51 -12.90 9.22 -21.24
C ALA A 51 -12.42 10.21 -20.19
N GLY A 52 -11.21 10.00 -19.68
CA GLY A 52 -10.67 10.91 -18.68
C GLY A 52 -11.52 10.91 -17.43
N GLY A 53 -12.15 9.77 -17.15
CA GLY A 53 -13.00 9.67 -15.97
C GLY A 53 -12.43 8.75 -14.90
N ILE A 54 -13.25 8.44 -13.90
CA ILE A 54 -12.84 7.58 -12.80
C ILE A 54 -12.93 6.11 -13.19
N ALA A 55 -12.24 5.26 -12.43
CA ALA A 55 -12.22 3.81 -12.70
C ALA A 55 -13.56 3.12 -12.44
N ASP A 56 -13.82 2.05 -13.21
CA ASP A 56 -15.05 1.27 -13.08
C ASP A 56 -14.86 0.26 -11.97
N ALA A 57 -15.02 0.71 -10.72
CA ALA A 57 -14.83 -0.16 -9.56
C ALA A 57 -15.78 -1.35 -9.54
N SER A 58 -17.08 -1.10 -9.78
CA SER A 58 -18.07 -2.17 -9.78
C SER A 58 -17.59 -3.38 -10.58
N ALA A 59 -16.84 -3.12 -11.65
CA ALA A 59 -16.30 -4.18 -12.50
C ALA A 59 -15.28 -5.01 -11.75
N GLN A 60 -14.50 -4.33 -10.91
CA GLN A 60 -13.48 -5.01 -10.10
C GLN A 60 -14.21 -5.81 -9.04
N ASP A 61 -15.26 -5.22 -8.47
CA ASP A 61 -16.04 -5.89 -7.44
C ASP A 61 -16.77 -7.10 -8.01
N THR A 62 -17.28 -6.95 -9.22
CA THR A 62 -17.98 -8.03 -9.89
C THR A 62 -17.01 -9.18 -10.11
N PHE A 63 -15.85 -8.85 -10.65
CA PHE A 63 -14.81 -9.83 -10.96
C PHE A 63 -14.20 -10.51 -9.73
N CYS A 64 -14.07 -9.77 -8.63
CA CYS A 64 -13.46 -10.34 -7.43
C CYS A 64 -14.46 -10.87 -6.42
N ALA A 65 -15.72 -10.93 -6.82
CA ALA A 65 -16.77 -11.43 -5.96
C ALA A 65 -16.46 -12.84 -5.44
N ASN A 66 -16.69 -13.05 -4.14
CA ASN A 66 -16.44 -14.31 -3.45
C ASN A 66 -15.04 -14.89 -3.60
N THR A 67 -14.05 -14.03 -3.83
CA THR A 67 -12.66 -14.46 -3.95
C THR A 67 -11.69 -13.35 -3.55
N THR A 68 -10.41 -13.51 -3.87
CA THR A 68 -9.39 -12.52 -3.56
C THR A 68 -8.82 -11.93 -4.86
N CYS A 69 -8.32 -10.70 -4.81
CA CYS A 69 -7.76 -10.07 -6.00
C CYS A 69 -6.44 -9.35 -5.77
N LEU A 70 -5.64 -9.30 -6.84
CA LEU A 70 -4.35 -8.63 -6.81
C LEU A 70 -4.23 -7.75 -8.04
N ILE A 71 -3.44 -6.69 -7.94
CA ILE A 71 -3.22 -5.80 -9.06
C ILE A 71 -1.97 -6.30 -9.78
N THR A 72 -2.18 -6.87 -10.95
CA THR A 72 -1.09 -7.43 -11.74
C THR A 72 -0.31 -6.42 -12.59
N ILE A 73 -1.00 -5.36 -13.03
CA ILE A 73 -0.37 -4.35 -13.87
C ILE A 73 -1.02 -2.98 -13.68
N ILE A 74 -0.18 -1.95 -13.64
CA ILE A 74 -0.67 -0.58 -13.53
C ILE A 74 -0.19 0.05 -14.84
N TYR A 75 -1.07 0.08 -15.83
CA TYR A 75 -0.77 0.60 -17.16
C TYR A 75 -0.33 2.06 -17.21
N ASP A 76 0.48 2.38 -18.21
CA ASP A 76 0.95 3.74 -18.41
C ASP A 76 0.07 4.45 -19.42
N GLN A 77 -0.87 5.24 -18.92
CA GLN A 77 -1.79 5.95 -19.80
C GLN A 77 -1.10 6.79 -20.88
N SER A 78 0.17 7.12 -20.68
CA SER A 78 0.90 7.97 -21.63
C SER A 78 1.09 7.40 -23.03
N GLY A 79 1.10 6.07 -23.15
CA GLY A 79 1.27 5.45 -24.45
C GLY A 79 2.67 4.92 -24.68
N ASN A 80 3.62 5.35 -23.86
CA ASN A 80 4.99 4.90 -24.00
C ASN A 80 5.15 3.44 -23.66
N GLY A 81 4.10 2.85 -23.10
CA GLY A 81 4.15 1.44 -22.74
C GLY A 81 4.96 1.16 -21.50
N ASN A 82 5.16 2.15 -20.65
CA ASN A 82 5.93 1.92 -19.44
C ASN A 82 5.06 1.36 -18.32
N HIS A 83 4.27 0.34 -18.63
CA HIS A 83 3.39 -0.24 -17.63
C HIS A 83 4.22 -0.74 -16.46
N LEU A 84 3.58 -0.85 -15.29
CA LEU A 84 4.28 -1.32 -14.11
C LEU A 84 3.82 -2.73 -13.74
N THR A 85 4.74 -3.67 -13.81
CA THR A 85 4.41 -5.05 -13.47
C THR A 85 5.17 -5.47 -12.22
N GLN A 86 5.02 -6.73 -11.83
CA GLN A 86 5.67 -7.28 -10.64
C GLN A 86 7.16 -7.08 -10.59
N ALA A 87 7.64 -6.42 -9.53
CA ALA A 87 9.06 -6.15 -9.36
C ALA A 87 9.94 -7.40 -9.17
N PRO A 88 11.06 -7.46 -9.90
CA PRO A 88 12.00 -8.59 -9.84
C PRO A 88 13.03 -8.41 -8.72
N PRO A 89 13.74 -9.49 -8.38
CA PRO A 89 14.77 -9.43 -7.32
C PRO A 89 16.00 -8.70 -7.85
N GLY A 90 16.74 -8.05 -6.96
CA GLY A 90 17.92 -7.33 -7.38
C GLY A 90 19.01 -7.44 -6.34
N GLY A 91 19.31 -6.33 -5.68
CA GLY A 91 20.32 -6.36 -4.64
C GLY A 91 19.77 -7.15 -3.47
N PHE A 92 18.45 -7.23 -3.41
CA PHE A 92 17.75 -7.95 -2.36
C PHE A 92 16.70 -8.79 -3.05
N ASP A 93 16.23 -9.83 -2.37
CA ASP A 93 15.19 -10.67 -2.94
C ASP A 93 13.85 -10.25 -2.38
N GLY A 94 12.79 -10.54 -3.12
CA GLY A 94 11.46 -10.21 -2.65
C GLY A 94 10.92 -11.40 -1.88
N PRO A 95 9.81 -11.23 -1.16
CA PRO A 95 9.28 -12.37 -0.41
C PRO A 95 8.52 -13.37 -1.28
N ASP A 96 8.26 -12.99 -2.53
CA ASP A 96 7.50 -13.84 -3.44
C ASP A 96 8.38 -14.81 -4.20
N THR A 97 7.71 -15.75 -4.88
CA THR A 97 8.37 -16.79 -5.65
C THR A 97 9.62 -16.34 -6.41
N ASP A 98 10.67 -17.14 -6.33
CA ASP A 98 11.93 -16.87 -7.02
C ASP A 98 12.55 -15.49 -6.82
N GLY A 99 12.31 -14.85 -5.68
CA GLY A 99 12.89 -13.55 -5.44
C GLY A 99 12.06 -12.33 -5.82
N TYR A 100 10.87 -12.56 -6.33
CA TYR A 100 10.00 -11.45 -6.71
C TYR A 100 9.35 -10.78 -5.51
N ASP A 101 8.88 -9.56 -5.71
CA ASP A 101 8.19 -8.84 -4.65
C ASP A 101 6.72 -9.24 -4.75
N ASN A 102 5.92 -8.86 -3.76
CA ASN A 102 4.50 -9.21 -3.78
C ASN A 102 3.65 -8.23 -4.57
N LEU A 103 2.66 -8.76 -5.26
CA LEU A 103 1.72 -7.89 -5.97
C LEU A 103 0.81 -7.44 -4.81
N ALA A 104 0.22 -6.26 -4.95
CA ALA A 104 -0.65 -5.74 -3.89
C ALA A 104 -2.11 -6.19 -4.04
N SER A 105 -2.87 -6.08 -2.97
CA SER A 105 -4.30 -6.41 -3.00
C SER A 105 -5.00 -5.30 -3.79
N ALA A 106 -6.17 -5.60 -4.35
CA ALA A 106 -6.89 -4.59 -5.12
C ALA A 106 -7.91 -3.84 -4.27
N ILE A 107 -8.08 -4.27 -3.02
CA ILE A 107 -9.06 -3.66 -2.13
C ILE A 107 -8.52 -3.12 -0.82
N GLY A 108 -7.21 -2.90 -0.75
CA GLY A 108 -6.59 -2.40 0.47
C GLY A 108 -6.64 -0.89 0.60
N ALA A 109 -6.97 -0.20 -0.49
CA ALA A 109 -7.02 1.25 -0.45
C ALA A 109 -8.26 1.82 -1.17
N PRO A 110 -9.48 1.44 -0.71
CA PRO A 110 -10.72 1.93 -1.32
C PRO A 110 -10.92 3.41 -1.06
N VAL A 111 -11.26 4.17 -2.10
CA VAL A 111 -11.49 5.60 -1.98
C VAL A 111 -12.63 6.05 -2.89
N THR A 112 -12.87 7.36 -2.89
CA THR A 112 -13.91 7.92 -3.72
C THR A 112 -13.39 9.24 -4.28
N LEU A 113 -13.37 9.34 -5.59
CA LEU A 113 -12.92 10.56 -6.24
C LEU A 113 -14.17 11.32 -6.71
N ASN A 114 -14.48 12.39 -5.98
CA ASN A 114 -15.64 13.22 -6.26
C ASN A 114 -16.90 12.37 -6.20
N GLY A 115 -17.03 11.60 -5.12
CA GLY A 115 -18.18 10.76 -4.93
C GLY A 115 -18.23 9.44 -5.68
N GLN A 116 -17.18 9.10 -6.40
CA GLN A 116 -17.18 7.84 -7.13
C GLN A 116 -16.19 6.86 -6.53
N LYS A 117 -16.63 5.62 -6.35
CA LYS A 117 -15.78 4.61 -5.77
C LYS A 117 -14.59 4.21 -6.68
N ALA A 118 -13.43 4.00 -6.06
CA ALA A 118 -12.23 3.61 -6.77
C ALA A 118 -11.27 2.91 -5.81
N TYR A 119 -10.25 2.27 -6.34
CA TYR A 119 -9.28 1.56 -5.52
C TYR A 119 -7.86 2.05 -5.72
N GLY A 120 -7.15 2.23 -4.62
CA GLY A 120 -5.77 2.68 -4.69
C GLY A 120 -4.87 1.46 -4.65
N VAL A 121 -3.58 1.65 -4.43
CA VAL A 121 -2.65 0.54 -4.37
C VAL A 121 -1.99 0.46 -3.00
N PHE A 122 -2.59 -0.35 -2.13
CA PHE A 122 -2.10 -0.52 -0.77
C PHE A 122 -0.94 -1.50 -0.77
N MET A 123 0.26 -1.00 -0.47
CA MET A 123 1.46 -1.82 -0.48
C MET A 123 2.10 -2.08 0.88
N SER A 124 2.09 -3.35 1.28
CA SER A 124 2.67 -3.82 2.53
C SER A 124 4.13 -4.17 2.28
N PRO A 125 4.96 -4.17 3.32
CA PRO A 125 6.38 -4.50 3.16
C PRO A 125 6.54 -5.75 2.29
N GLY A 126 7.43 -5.70 1.31
CA GLY A 126 7.64 -6.84 0.44
C GLY A 126 6.88 -6.78 -0.87
N THR A 127 6.16 -5.69 -1.10
CA THR A 127 5.38 -5.49 -2.32
C THR A 127 6.09 -4.46 -3.19
N GLY A 128 6.07 -4.65 -4.51
CA GLY A 128 6.72 -3.68 -5.37
C GLY A 128 6.54 -3.88 -6.87
N TYR A 129 6.31 -2.79 -7.58
CA TYR A 129 6.14 -2.83 -9.04
C TYR A 129 7.34 -2.15 -9.69
N ARG A 130 7.67 -2.54 -10.93
CA ARG A 130 8.81 -1.97 -11.62
C ARG A 130 8.76 -2.14 -13.15
N ASN A 131 9.52 -1.31 -13.86
CA ASN A 131 9.64 -1.38 -15.31
C ASN A 131 11.06 -0.95 -15.66
N ASN A 132 11.98 -1.92 -15.71
CA ASN A 132 13.39 -1.67 -15.98
C ASN A 132 13.74 -1.36 -17.44
N GLU A 133 12.74 -1.26 -18.29
CA GLU A 133 12.99 -0.91 -19.68
C GLU A 133 11.90 0.02 -20.18
N ALA A 134 11.97 1.27 -19.71
CA ALA A 134 11.01 2.30 -20.06
C ALA A 134 11.48 3.07 -21.27
N THR A 135 10.62 3.97 -21.74
CA THR A 135 10.93 4.80 -22.90
C THR A 135 10.57 6.26 -22.64
N GLY A 136 11.53 7.15 -22.89
CA GLY A 136 11.27 8.56 -22.70
C GLY A 136 11.67 9.11 -21.35
N THR A 137 11.85 8.22 -20.38
CA THR A 137 12.24 8.64 -19.04
C THR A 137 13.66 9.20 -19.09
N ALA A 138 13.90 10.29 -18.37
CA ALA A 138 15.20 10.92 -18.36
C ALA A 138 16.33 9.99 -17.94
N THR A 139 17.49 10.17 -18.56
CA THR A 139 18.68 9.40 -18.23
C THR A 139 19.84 10.38 -18.10
N GLY A 140 21.01 9.89 -17.73
CA GLY A 140 22.16 10.77 -17.57
C GLY A 140 21.84 11.90 -16.60
N ASP A 141 22.03 13.13 -17.05
CA ASP A 141 21.75 14.28 -16.20
C ASP A 141 20.51 15.01 -16.69
N GLU A 142 19.77 14.36 -17.61
CA GLU A 142 18.54 14.93 -18.17
C GLU A 142 17.54 15.35 -17.10
N ALA A 143 16.88 16.48 -17.34
CA ALA A 143 15.90 17.01 -16.40
C ALA A 143 14.60 16.20 -16.43
N GLU A 144 13.90 16.17 -15.31
CA GLU A 144 12.65 15.44 -15.20
C GLU A 144 11.87 15.96 -13.99
N GLY A 145 10.57 15.67 -14.00
CA GLY A 145 9.70 16.09 -12.91
C GLY A 145 8.74 14.95 -12.67
N MET A 146 8.26 14.81 -11.43
CA MET A 146 7.33 13.73 -11.11
C MET A 146 6.44 14.14 -9.95
N TYR A 147 5.42 13.35 -9.71
CA TYR A 147 4.52 13.60 -8.59
C TYR A 147 3.75 12.32 -8.28
N ALA A 148 3.09 12.32 -7.13
CA ALA A 148 2.33 11.17 -6.72
C ALA A 148 1.37 11.59 -5.63
N VAL A 149 0.29 10.84 -5.48
CA VAL A 149 -0.68 11.11 -4.43
C VAL A 149 -0.60 9.87 -3.56
N LEU A 150 -0.07 10.03 -2.37
CA LEU A 150 0.09 8.91 -1.47
C LEU A 150 -0.73 9.12 -0.21
N ASP A 151 -0.69 8.12 0.68
CA ASP A 151 -1.41 8.19 1.95
C ASP A 151 -0.42 8.65 3.02
N GLY A 152 -0.57 9.88 3.47
CA GLY A 152 0.34 10.40 4.47
C GLY A 152 0.34 9.68 5.81
N THR A 153 -0.55 8.71 5.98
CA THR A 153 -0.61 8.01 7.25
C THR A 153 -0.27 6.53 7.15
N HIS A 154 0.22 6.11 5.98
CA HIS A 154 0.60 4.71 5.75
C HIS A 154 2.07 4.69 5.33
N TYR A 155 2.94 4.08 6.13
CA TYR A 155 4.38 4.07 5.84
C TYR A 155 5.19 3.49 7.01
N ASN A 156 6.50 3.47 6.86
CA ASN A 156 7.37 3.03 7.94
C ASN A 156 8.75 3.67 7.77
N ASP A 157 9.76 3.13 8.44
CA ASP A 157 11.11 3.68 8.34
C ASP A 157 12.03 2.77 7.54
N ALA A 158 11.50 1.63 7.11
CA ALA A 158 12.28 0.67 6.34
C ALA A 158 12.46 1.15 4.91
N CYS A 159 13.61 0.84 4.34
CA CYS A 159 13.93 1.23 2.99
C CYS A 159 13.23 0.30 1.99
N CYS A 160 12.53 0.85 0.99
CA CYS A 160 12.34 2.28 0.77
C CYS A 160 11.05 2.43 -0.05
N PHE A 161 10.15 3.33 0.36
CA PHE A 161 8.93 3.50 -0.43
C PHE A 161 9.13 4.61 -1.45
N ASP A 162 9.48 4.20 -2.67
CA ASP A 162 9.77 5.13 -3.76
C ASP A 162 8.82 5.05 -4.95
N TYR A 163 8.91 6.07 -5.78
CA TYR A 163 8.18 6.18 -7.04
C TYR A 163 8.98 7.18 -7.84
N GLY A 164 9.72 6.70 -8.84
CA GLY A 164 10.53 7.59 -9.65
C GLY A 164 11.57 6.86 -10.47
N ASN A 165 12.63 7.58 -10.83
CA ASN A 165 13.71 7.05 -11.66
C ASN A 165 14.69 6.13 -10.93
N ALA A 166 14.96 4.96 -11.50
CA ALA A 166 15.85 3.99 -10.87
C ALA A 166 16.73 3.24 -11.86
N GLU A 167 17.65 2.43 -11.32
CA GLU A 167 18.60 1.67 -12.13
C GLU A 167 17.94 0.54 -12.89
N THR A 168 18.34 0.36 -14.14
CA THR A 168 17.80 -0.68 -15.02
C THR A 168 18.27 -2.11 -14.71
N SER A 169 19.19 -2.25 -13.76
CA SER A 169 19.69 -3.58 -13.38
C SER A 169 19.13 -4.01 -12.03
N SER A 170 18.32 -3.15 -11.42
CA SER A 170 17.72 -3.43 -10.13
C SER A 170 18.74 -3.53 -9.01
N THR A 171 19.93 -2.99 -9.27
CA THR A 171 21.01 -3.01 -8.28
C THR A 171 21.50 -1.60 -7.99
N ASP A 172 22.08 -1.41 -6.80
CA ASP A 172 22.61 -0.11 -6.42
C ASP A 172 23.90 0.16 -7.17
N THR A 173 23.82 0.90 -8.28
CA THR A 173 25.03 1.17 -9.04
C THR A 173 25.71 2.46 -8.62
N GLY A 174 25.41 2.94 -7.41
CA GLY A 174 26.06 4.15 -6.93
C GLY A 174 25.31 5.47 -6.96
N ALA A 175 25.81 6.41 -6.17
CA ALA A 175 25.22 7.73 -6.07
C ALA A 175 24.89 8.31 -7.45
N GLY A 176 23.81 9.08 -7.51
CA GLY A 176 23.39 9.70 -8.75
C GLY A 176 22.75 8.77 -9.77
N HIS A 177 22.47 7.54 -9.36
CA HIS A 177 21.85 6.58 -10.27
C HIS A 177 20.35 6.41 -10.00
N MET A 178 19.78 7.42 -9.34
CA MET A 178 18.35 7.43 -9.01
C MET A 178 17.78 8.82 -8.81
N GLU A 179 16.46 8.91 -8.93
CA GLU A 179 15.74 10.16 -8.72
C GLU A 179 14.27 9.84 -8.54
N ALA A 180 13.94 9.28 -7.38
CA ALA A 180 12.57 8.89 -7.07
C ALA A 180 12.03 9.53 -5.81
N ILE A 181 10.72 9.75 -5.79
CA ILE A 181 10.07 10.34 -4.63
C ILE A 181 10.15 9.32 -3.51
N TYR A 182 10.26 9.81 -2.27
CA TYR A 182 10.28 8.95 -1.10
C TYR A 182 9.39 9.55 -0.01
N LEU A 183 8.62 8.68 0.64
CA LEU A 183 7.73 9.09 1.73
C LEU A 183 7.78 8.03 2.84
N GLY A 184 8.30 8.43 4.00
CA GLY A 184 8.43 7.52 5.14
C GLY A 184 9.19 8.26 6.22
N ASN A 185 9.50 7.61 7.34
CA ASN A 185 10.26 8.27 8.40
C ASN A 185 11.59 7.56 8.68
N SER A 186 12.15 6.99 7.62
CA SER A 186 13.44 6.34 7.73
C SER A 186 14.41 7.46 8.10
N THR A 187 15.45 7.15 8.86
CA THR A 187 16.44 8.17 9.20
C THR A 187 17.83 7.59 8.99
N THR A 188 17.87 6.48 8.26
CA THR A 188 19.12 5.81 7.95
C THR A 188 20.01 6.70 7.09
N TRP A 189 19.39 7.64 6.39
CA TRP A 189 20.13 8.56 5.52
C TRP A 189 19.71 9.98 5.85
N GLY A 190 18.89 10.58 4.99
CA GLY A 190 18.42 11.92 5.25
C GLY A 190 17.13 11.83 6.06
N TYR A 191 16.58 12.98 6.41
CA TYR A 191 15.33 13.04 7.15
C TYR A 191 15.06 14.49 7.56
N GLY A 192 13.83 14.79 7.93
CA GLY A 192 13.51 16.15 8.30
C GLY A 192 13.11 16.44 9.72
N ALA A 193 12.36 17.52 9.89
CA ALA A 193 11.90 17.96 11.20
C ALA A 193 10.71 17.12 11.64
N GLY A 194 10.53 17.02 12.95
CA GLY A 194 9.41 16.26 13.51
C GLY A 194 9.58 14.76 13.49
N ASP A 195 8.47 14.06 13.70
CA ASP A 195 8.46 12.61 13.74
C ASP A 195 8.26 11.98 12.35
N GLY A 196 7.91 12.80 11.37
CA GLY A 196 7.70 12.30 10.02
C GLY A 196 6.25 11.93 9.76
N PRO A 197 5.95 11.32 8.60
CA PRO A 197 6.91 10.98 7.54
C PRO A 197 7.42 12.22 6.80
N TRP A 198 8.39 12.05 5.91
CA TRP A 198 8.92 13.18 5.13
C TRP A 198 8.93 12.82 3.65
N ILE A 199 8.77 13.84 2.81
CA ILE A 199 8.84 13.63 1.37
C ILE A 199 10.32 13.86 1.09
N MET A 200 11.02 12.83 0.62
CA MET A 200 12.44 12.96 0.30
C MET A 200 12.74 12.45 -1.12
N VAL A 201 13.91 12.81 -1.63
CA VAL A 201 14.33 12.40 -2.97
C VAL A 201 15.42 11.33 -2.91
N ASP A 202 15.12 10.13 -3.42
CA ASP A 202 16.09 9.05 -3.43
C ASP A 202 17.03 9.29 -4.62
N MET A 203 18.29 9.64 -4.32
CA MET A 203 19.30 9.90 -5.36
C MET A 203 20.35 8.79 -5.40
N ALA A 204 20.06 7.67 -4.74
CA ALA A 204 20.95 6.51 -4.65
C ALA A 204 21.93 6.69 -3.50
N ASN A 205 21.94 5.72 -2.59
CA ASN A 205 22.80 5.74 -1.40
C ASN A 205 22.52 6.96 -0.55
N ASN A 206 21.30 7.47 -0.62
CA ASN A 206 20.95 8.66 0.15
C ASN A 206 19.55 9.17 -0.12
N LEU A 207 18.76 9.31 0.94
CA LEU A 207 17.43 9.89 0.80
C LEU A 207 17.73 11.32 1.23
N PHE A 208 17.45 12.30 0.38
CA PHE A 208 17.73 13.68 0.72
C PHE A 208 16.54 14.52 1.16
N SER A 209 16.68 15.20 2.30
CA SER A 209 15.64 16.06 2.85
C SER A 209 16.03 17.50 2.58
N GLY A 210 17.13 17.67 1.87
CA GLY A 210 17.62 18.99 1.53
C GLY A 210 19.04 18.92 0.98
N ALA A 211 19.77 20.02 1.12
CA ALA A 211 21.13 20.11 0.63
C ALA A 211 22.09 19.19 1.37
N ASP A 212 22.21 19.37 2.68
CA ASP A 212 23.12 18.54 3.45
C ASP A 212 22.67 17.09 3.56
N GLU A 213 23.65 16.19 3.60
CA GLU A 213 23.40 14.76 3.76
C GLU A 213 22.87 14.66 5.19
N GLY A 214 21.95 13.74 5.46
CA GLY A 214 21.44 13.63 6.82
C GLY A 214 20.27 14.55 7.16
N TYR A 215 20.34 15.19 8.32
CA TYR A 215 19.26 16.07 8.79
C TYR A 215 19.13 17.40 8.07
N ASN A 216 17.89 17.81 7.83
CA ASN A 216 17.58 19.09 7.17
C ASN A 216 16.24 19.55 7.75
N SER A 217 16.23 20.69 8.43
CA SER A 217 15.02 21.23 9.04
C SER A 217 14.04 21.84 8.05
N GLY A 218 14.50 22.15 6.85
CA GLY A 218 13.61 22.72 5.86
C GLY A 218 12.53 21.76 5.38
N ASP A 219 12.76 20.46 5.53
CA ASP A 219 11.80 19.46 5.10
C ASP A 219 10.96 19.10 6.33
N PRO A 220 9.66 19.44 6.29
CA PRO A 220 8.74 19.16 7.39
C PRO A 220 8.04 17.81 7.36
N SER A 221 7.48 17.43 8.50
CA SER A 221 6.73 16.19 8.62
C SER A 221 5.41 16.46 7.90
N ILE A 222 5.10 15.68 6.87
CA ILE A 222 3.85 15.87 6.16
C ILE A 222 3.06 14.57 6.33
N SER A 223 1.88 14.64 6.96
CA SER A 223 1.11 13.43 7.19
C SER A 223 -0.39 13.45 6.86
N TYR A 224 -0.78 14.21 5.84
CA TYR A 224 -2.18 14.24 5.46
C TYR A 224 -2.59 12.89 4.91
N ARG A 225 -3.86 12.53 5.07
CA ARG A 225 -4.38 11.26 4.57
C ARG A 225 -4.21 11.15 3.05
N PHE A 226 -4.09 12.30 2.39
CA PHE A 226 -3.90 12.37 0.95
C PHE A 226 -2.84 13.42 0.68
N VAL A 227 -1.61 12.96 0.45
CA VAL A 227 -0.46 13.82 0.22
C VAL A 227 -0.08 13.90 -1.25
N THR A 228 0.34 15.08 -1.69
CA THR A 228 0.80 15.27 -3.06
C THR A 228 2.31 15.52 -3.04
N ALA A 229 3.08 14.55 -3.50
CA ALA A 229 4.53 14.69 -3.52
C ALA A 229 5.02 15.03 -4.93
N ALA A 230 5.56 16.23 -5.10
CA ALA A 230 6.09 16.68 -6.38
C ALA A 230 7.62 16.81 -6.24
N VAL A 231 8.35 16.15 -7.14
CA VAL A 231 9.80 16.17 -7.11
C VAL A 231 10.33 16.35 -8.53
N LYS A 232 11.36 17.18 -8.67
CA LYS A 232 11.95 17.40 -9.98
C LYS A 232 13.46 17.61 -9.83
N GLY A 233 14.20 17.22 -10.88
CA GLY A 233 15.65 17.36 -10.86
C GLY A 233 16.21 17.77 -12.21
N GLY A 234 17.25 18.59 -12.19
CA GLY A 234 17.87 19.06 -13.42
C GLY A 234 19.36 19.27 -13.20
N ALA A 235 20.02 19.96 -14.12
CA ALA A 235 21.46 20.23 -14.02
C ALA A 235 21.82 21.00 -12.75
N ASP A 236 22.28 20.26 -11.74
CA ASP A 236 22.64 20.83 -10.44
C ASP A 236 21.50 21.63 -9.82
N LYS A 237 20.31 21.03 -9.84
CA LYS A 237 19.13 21.65 -9.24
C LYS A 237 18.00 20.64 -9.12
N TRP A 238 17.26 20.71 -8.03
CA TRP A 238 16.16 19.80 -7.80
C TRP A 238 15.28 20.47 -6.78
N ALA A 239 14.16 19.85 -6.44
CA ALA A 239 13.26 20.44 -5.45
C ALA A 239 12.24 19.47 -4.87
N ILE A 240 11.77 19.79 -3.67
CA ILE A 240 10.77 19.00 -3.00
C ILE A 240 9.61 19.94 -2.69
N ARG A 241 8.43 19.59 -3.19
CA ARG A 241 7.23 20.39 -2.95
C ARG A 241 6.15 19.43 -2.46
N GLY A 242 5.48 19.80 -1.37
CA GLY A 242 4.44 18.95 -0.81
C GLY A 242 3.14 19.69 -0.57
N ALA A 243 2.03 18.96 -0.49
CA ALA A 243 0.73 19.57 -0.27
C ALA A 243 -0.37 18.58 0.07
N ASN A 244 -1.40 19.04 0.79
CA ASN A 244 -2.54 18.22 1.15
C ASN A 244 -3.38 18.06 -0.12
N ALA A 245 -3.20 16.94 -0.83
CA ALA A 245 -3.93 16.68 -2.07
C ALA A 245 -5.43 16.90 -1.94
N ALA A 246 -5.94 16.86 -0.71
CA ALA A 246 -7.35 17.06 -0.47
C ALA A 246 -7.72 18.54 -0.60
N SER A 247 -6.76 19.42 -0.35
CA SER A 247 -7.02 20.85 -0.43
C SER A 247 -5.77 21.72 -0.23
N GLY A 248 -5.73 22.85 -0.93
CA GLY A 248 -4.60 23.76 -0.77
C GLY A 248 -3.50 23.72 -1.82
N SER A 249 -2.46 24.51 -1.57
CA SER A 249 -1.34 24.63 -2.49
C SER A 249 -0.09 23.83 -2.14
N LEU A 250 0.80 23.69 -3.12
CA LEU A 250 2.06 22.99 -2.91
C LEU A 250 2.99 23.97 -2.20
N SER A 251 3.76 23.47 -1.25
CA SER A 251 4.70 24.30 -0.52
C SER A 251 6.07 23.77 -0.92
N THR A 252 7.08 24.64 -0.92
CA THR A 252 8.42 24.21 -1.30
C THR A 252 9.31 23.95 -0.09
N TYR A 253 9.68 22.69 0.08
CA TYR A 253 10.54 22.32 1.20
C TYR A 253 12.02 22.44 0.83
N TYR A 254 12.30 22.33 -0.47
CA TYR A 254 13.66 22.48 -0.98
C TYR A 254 13.67 22.97 -2.43
N SER A 255 14.67 23.77 -2.76
CA SER A 255 14.83 24.31 -4.10
C SER A 255 16.28 24.76 -4.19
N GLY A 256 17.06 24.11 -5.05
CA GLY A 256 18.47 24.48 -5.16
C GLY A 256 19.41 23.45 -5.77
N ALA A 257 20.71 23.72 -5.62
CA ALA A 257 21.75 22.85 -6.18
C ALA A 257 21.83 21.47 -5.58
N ARG A 258 22.30 20.53 -6.40
CA ARG A 258 22.47 19.14 -6.00
C ARG A 258 23.24 19.07 -4.70
N PRO A 259 23.01 18.02 -3.91
CA PRO A 259 23.76 17.93 -2.66
C PRO A 259 25.23 17.91 -3.07
N ASP A 260 26.06 18.72 -2.41
CA ASP A 260 27.48 18.79 -2.76
C ASP A 260 28.30 17.61 -2.26
N TYR A 261 28.16 16.48 -2.95
CA TYR A 261 28.88 15.24 -2.65
C TYR A 261 29.14 14.55 -3.99
N SER A 262 30.25 13.82 -4.08
CA SER A 262 30.59 13.12 -5.30
C SER A 262 29.47 12.25 -5.86
N GLY A 263 29.34 12.22 -7.17
CA GLY A 263 28.34 11.39 -7.83
C GLY A 263 26.93 11.93 -7.92
N TYR A 264 26.70 13.12 -7.39
CA TYR A 264 25.36 13.69 -7.43
C TYR A 264 25.19 14.81 -8.45
N ASN A 265 26.29 15.23 -9.06
CA ASN A 265 26.25 16.25 -10.11
C ASN A 265 27.48 16.12 -11.00
N PRO A 266 27.27 15.79 -12.29
CA PRO A 266 25.97 15.57 -12.93
C PRO A 266 25.39 14.25 -12.46
N MET A 267 24.08 14.05 -12.66
CA MET A 267 23.44 12.81 -12.27
C MET A 267 23.75 11.73 -13.29
N SER A 268 23.31 10.50 -13.01
CA SER A 268 23.54 9.36 -13.89
C SER A 268 22.31 8.46 -13.90
N LYS A 269 21.14 9.08 -13.90
CA LYS A 269 19.87 8.37 -13.89
C LYS A 269 19.85 7.31 -14.98
N GLU A 270 19.29 6.14 -14.68
CA GLU A 270 19.25 5.07 -15.66
C GLU A 270 17.93 4.92 -16.41
N GLY A 271 16.89 5.61 -15.92
CA GLY A 271 15.61 5.59 -16.60
C GLY A 271 14.56 4.52 -16.34
N ALA A 272 14.77 3.66 -15.35
CA ALA A 272 13.77 2.64 -15.06
C ALA A 272 12.75 3.25 -14.08
N ILE A 273 11.60 2.58 -13.94
CA ILE A 273 10.56 3.05 -13.04
C ILE A 273 10.30 2.05 -11.91
N ILE A 274 10.29 2.53 -10.68
CA ILE A 274 10.03 1.68 -9.54
C ILE A 274 8.92 2.27 -8.69
N LEU A 275 8.29 1.43 -7.88
CA LEU A 275 7.21 1.86 -7.01
C LEU A 275 7.13 0.99 -5.77
N GLY A 276 7.10 1.63 -4.60
CA GLY A 276 6.99 0.92 -3.33
C GLY A 276 8.26 0.21 -2.86
N ILE A 277 9.33 0.37 -3.62
CA ILE A 277 10.59 -0.28 -3.30
C ILE A 277 11.76 0.63 -3.57
N GLY A 278 12.96 0.12 -3.34
CA GLY A 278 14.16 0.89 -3.58
C GLY A 278 14.81 0.48 -4.89
N GLY A 279 15.72 1.31 -5.40
CA GLY A 279 16.38 1.01 -6.66
C GLY A 279 17.11 -0.32 -6.72
N ASP A 280 17.49 -0.87 -5.57
CA ASP A 280 18.19 -2.15 -5.53
C ASP A 280 17.27 -3.19 -4.89
N ASN A 281 15.98 -2.94 -5.08
CA ASN A 281 14.88 -3.76 -4.61
C ASN A 281 14.72 -3.91 -3.11
N SER A 282 15.13 -2.91 -2.35
CA SER A 282 14.91 -2.98 -0.90
C SER A 282 13.39 -2.98 -0.78
N ASN A 283 12.83 -3.97 -0.09
CA ASN A 283 11.38 -4.06 0.01
C ASN A 283 10.81 -4.16 1.41
N GLY A 284 11.32 -3.33 2.32
CA GLY A 284 10.82 -3.38 3.69
C GLY A 284 9.81 -2.27 3.99
N ALA A 285 9.62 -1.36 3.04
CA ALA A 285 8.71 -0.23 3.21
C ALA A 285 7.23 -0.50 2.84
N GLN A 286 6.36 0.40 3.27
CA GLN A 286 4.94 0.30 3.01
C GLN A 286 4.35 1.67 2.66
N GLY A 287 3.29 1.67 1.84
CA GLY A 287 2.65 2.91 1.45
C GLY A 287 1.42 2.70 0.58
N THR A 288 0.87 3.78 0.08
CA THR A 288 -0.31 3.70 -0.75
C THR A 288 -0.22 4.66 -1.94
N PHE A 289 -0.26 4.08 -3.14
CA PHE A 289 -0.15 4.83 -4.39
C PHE A 289 -1.53 5.00 -5.01
N TYR A 290 -1.92 6.25 -5.26
CA TYR A 290 -3.23 6.52 -5.84
C TYR A 290 -3.15 6.90 -7.32
N GLU A 291 -2.19 7.76 -7.64
CA GLU A 291 -1.96 8.22 -9.00
C GLU A 291 -0.63 8.97 -8.99
N GLY A 292 0.07 8.95 -10.12
CA GLY A 292 1.35 9.65 -10.21
C GLY A 292 1.90 9.58 -11.61
N VAL A 293 2.88 10.42 -11.92
CA VAL A 293 3.51 10.44 -13.25
C VAL A 293 4.96 10.88 -13.19
N MET A 294 5.63 10.72 -14.32
CA MET A 294 7.02 11.13 -14.50
C MET A 294 6.98 11.98 -15.76
N THR A 295 7.90 12.92 -15.91
CA THR A 295 7.88 13.76 -17.09
C THR A 295 9.27 13.99 -17.66
N SER A 296 9.29 14.61 -18.85
CA SER A 296 10.55 14.96 -19.49
C SER A 296 10.59 16.48 -19.39
N GLY A 297 11.68 16.99 -18.82
CA GLY A 297 11.82 18.43 -18.67
C GLY A 297 11.55 18.88 -17.26
N TYR A 298 12.19 19.97 -16.85
CA TYR A 298 12.03 20.50 -15.50
C TYR A 298 10.74 21.36 -15.42
N PRO A 299 9.68 20.84 -14.80
CA PRO A 299 8.40 21.55 -14.65
C PRO A 299 8.50 22.86 -13.88
N SER A 300 7.83 23.87 -14.39
CA SER A 300 7.81 25.18 -13.75
C SER A 300 6.89 25.10 -12.53
N ASP A 301 7.22 25.87 -11.51
CA ASP A 301 6.42 25.88 -10.30
C ASP A 301 4.94 26.12 -10.65
N ASP A 302 4.68 26.87 -11.71
CA ASP A 302 3.31 27.14 -12.12
C ASP A 302 2.64 25.84 -12.55
N THR A 303 3.24 25.19 -13.52
CA THR A 303 2.73 23.94 -14.04
C THR A 303 2.29 23.02 -12.91
N GLU A 304 3.10 22.92 -11.85
CA GLU A 304 2.80 22.06 -10.71
C GLU A 304 1.62 22.54 -9.88
N ASN A 305 1.43 23.84 -9.77
CA ASN A 305 0.31 24.36 -8.99
C ASN A 305 -1.01 24.00 -9.69
N SER A 306 -0.97 23.86 -11.01
CA SER A 306 -2.15 23.50 -11.76
C SER A 306 -2.50 22.05 -11.49
N VAL A 307 -1.49 21.19 -11.55
CA VAL A 307 -1.68 19.77 -11.29
C VAL A 307 -2.28 19.61 -9.90
N GLN A 308 -1.66 20.27 -8.92
CA GLN A 308 -2.15 20.21 -7.54
C GLN A 308 -3.61 20.64 -7.44
N GLU A 309 -3.95 21.74 -8.11
CA GLU A 309 -5.31 22.26 -8.09
C GLU A 309 -6.26 21.23 -8.70
N ASN A 310 -5.85 20.62 -9.81
CA ASN A 310 -6.65 19.58 -10.46
C ASN A 310 -6.84 18.42 -9.50
N ILE A 311 -5.78 18.08 -8.76
CA ILE A 311 -5.88 16.99 -7.80
C ILE A 311 -6.93 17.31 -6.74
N VAL A 312 -6.81 18.48 -6.12
CA VAL A 312 -7.76 18.90 -5.12
C VAL A 312 -9.17 18.72 -5.69
N ALA A 313 -9.30 19.04 -6.98
CA ALA A 313 -10.57 18.93 -7.68
C ALA A 313 -11.05 17.48 -7.75
N ALA A 314 -10.13 16.55 -7.98
CA ALA A 314 -10.48 15.13 -8.07
C ALA A 314 -11.20 14.68 -6.79
N LYS A 315 -11.10 15.50 -5.75
CA LYS A 315 -11.73 15.25 -4.47
C LYS A 315 -11.59 13.85 -3.88
N TYR A 316 -10.36 13.54 -3.47
CA TYR A 316 -10.08 12.26 -2.85
C TYR A 316 -10.69 12.25 -1.46
N VAL A 317 -11.27 11.11 -1.10
CA VAL A 317 -11.89 10.92 0.20
C VAL A 317 -11.82 9.44 0.53
N VAL A 318 -11.38 9.13 1.75
CA VAL A 318 -11.26 7.75 2.18
C VAL A 318 -12.56 7.00 1.92
N GLY A 319 -12.43 5.74 1.51
CA GLY A 319 -13.60 4.92 1.23
C GLY A 319 -13.81 3.89 2.32
N SER A 320 -14.97 3.24 2.30
CA SER A 320 -15.28 2.24 3.30
C SER A 320 -14.38 1.01 3.12
N LEU A 321 -13.82 0.55 4.23
CA LEU A 321 -12.93 -0.61 4.26
C LEU A 321 -13.67 -1.86 4.70
N VAL A 322 -14.85 -1.65 5.29
CA VAL A 322 -15.65 -2.74 5.81
C VAL A 322 -16.87 -3.16 4.99
N SER A 323 -17.17 -4.46 5.04
CA SER A 323 -18.33 -5.05 4.36
C SER A 323 -18.76 -6.22 5.22
N GLY A 324 -19.99 -6.69 5.04
CA GLY A 324 -20.45 -7.82 5.83
C GLY A 324 -20.96 -7.45 7.21
N PRO A 325 -21.16 -8.44 8.10
CA PRO A 325 -21.65 -8.26 9.46
C PRO A 325 -21.06 -7.08 10.19
N SER A 326 -19.79 -7.20 10.55
CA SER A 326 -19.06 -6.15 11.29
C SER A 326 -19.47 -6.13 12.77
N PHE A 327 -18.68 -5.43 13.58
CA PHE A 327 -18.92 -5.40 15.02
C PHE A 327 -19.11 -4.00 15.58
N THR A 328 -19.29 -3.96 16.89
CA THR A 328 -19.47 -2.72 17.63
C THR A 328 -18.47 -2.76 18.76
N SER A 329 -17.77 -1.66 18.98
CA SER A 329 -16.78 -1.62 20.05
C SER A 329 -17.40 -2.11 21.35
N GLY A 330 -16.60 -2.81 22.14
CA GLY A 330 -17.08 -3.33 23.42
C GLY A 330 -17.88 -4.60 23.34
N GLU A 331 -18.20 -5.03 22.12
CA GLU A 331 -18.97 -6.24 21.89
C GLU A 331 -18.09 -7.46 22.16
N VAL A 332 -18.63 -8.45 22.89
CA VAL A 332 -17.87 -9.66 23.17
C VAL A 332 -18.44 -10.75 22.27
N VAL A 333 -17.61 -11.29 21.39
CA VAL A 333 -18.09 -12.32 20.47
C VAL A 333 -17.29 -13.62 20.52
N SER A 334 -17.76 -14.60 19.77
CA SER A 334 -17.10 -15.90 19.65
C SER A 334 -17.14 -16.17 18.14
N LEU A 335 -16.00 -16.60 17.58
CA LEU A 335 -15.90 -16.84 16.15
C LEU A 335 -15.85 -18.31 15.78
N ARG A 336 -16.91 -18.77 15.10
CA ARG A 336 -17.00 -20.18 14.72
C ARG A 336 -16.57 -20.55 13.30
N VAL A 337 -15.82 -21.65 13.21
CA VAL A 337 -15.32 -22.19 11.95
C VAL A 337 -16.46 -22.73 11.07
N THR A 338 -16.42 -22.42 9.78
CA THR A 338 -17.47 -22.88 8.88
C THR A 338 -16.99 -23.99 7.95
N THR A 339 -15.68 -24.27 7.95
CA THR A 339 -15.15 -25.31 7.08
C THR A 339 -15.75 -26.67 7.43
N PRO A 340 -16.31 -27.38 6.43
CA PRO A 340 -16.91 -28.70 6.64
C PRO A 340 -15.95 -29.65 7.32
N GLY A 341 -16.36 -30.16 8.49
CA GLY A 341 -15.53 -31.10 9.23
C GLY A 341 -14.76 -30.43 10.35
N TYR A 342 -15.11 -29.18 10.64
CA TYR A 342 -14.45 -28.43 11.70
C TYR A 342 -15.45 -27.44 12.28
N THR A 343 -16.70 -27.59 11.84
CA THR A 343 -17.82 -26.74 12.22
C THR A 343 -18.22 -26.67 13.68
N THR A 344 -17.42 -27.27 14.57
CA THR A 344 -17.73 -27.22 15.99
C THR A 344 -16.51 -26.74 16.74
N ARG A 345 -15.68 -25.96 16.04
CA ARG A 345 -14.46 -25.40 16.62
C ARG A 345 -14.57 -23.89 16.59
N TYR A 346 -13.88 -23.24 17.52
CA TYR A 346 -13.92 -21.78 17.60
C TYR A 346 -12.52 -21.19 17.70
N ILE A 347 -12.33 -19.99 17.19
CA ILE A 347 -11.03 -19.36 17.29
C ILE A 347 -10.78 -19.10 18.78
N ALA A 348 -9.72 -19.71 19.30
CA ALA A 348 -9.33 -19.58 20.70
C ALA A 348 -7.80 -19.52 20.80
N HIS A 349 -7.26 -19.85 21.96
CA HIS A 349 -5.81 -19.83 22.12
C HIS A 349 -5.33 -20.62 23.32
N THR A 350 -4.05 -20.95 23.27
CA THR A 350 -3.36 -21.70 24.31
C THR A 350 -2.09 -20.88 24.50
N ASP A 351 -2.16 -19.93 25.43
CA ASP A 351 -1.05 -19.01 25.68
C ASP A 351 -1.00 -18.09 24.46
N THR A 352 0.18 -17.83 23.92
CA THR A 352 0.27 -16.94 22.76
C THR A 352 -0.12 -17.57 21.44
N THR A 353 -0.45 -18.84 21.44
CA THR A 353 -0.83 -19.48 20.19
C THR A 353 -2.31 -19.35 19.94
N VAL A 354 -2.68 -18.78 18.80
CA VAL A 354 -4.09 -18.67 18.48
C VAL A 354 -4.38 -19.90 17.62
N ASN A 355 -5.45 -20.61 17.96
CA ASN A 355 -5.80 -21.83 17.24
C ASN A 355 -7.31 -22.04 17.24
N THR A 356 -7.75 -23.22 16.82
CA THR A 356 -9.18 -23.53 16.81
C THR A 356 -9.35 -24.74 17.72
N GLN A 357 -10.29 -24.63 18.65
CA GLN A 357 -10.56 -25.71 19.58
C GLN A 357 -12.05 -26.00 19.62
N VAL A 358 -12.40 -27.13 20.22
CA VAL A 358 -13.79 -27.51 20.33
C VAL A 358 -14.36 -26.97 21.62
N VAL A 359 -15.11 -25.88 21.53
CA VAL A 359 -15.70 -25.27 22.71
C VAL A 359 -17.22 -25.46 22.72
N ASP A 360 -17.77 -25.81 23.87
CA ASP A 360 -19.21 -26.00 24.03
C ASP A 360 -19.55 -25.73 25.51
N ASP A 361 -20.82 -25.87 25.88
CA ASP A 361 -21.25 -25.60 27.26
C ASP A 361 -20.64 -26.43 28.39
N ASP A 362 -19.96 -27.52 28.07
CA ASP A 362 -19.33 -28.35 29.10
C ASP A 362 -17.90 -27.89 29.31
N SER A 363 -17.42 -27.04 28.39
CA SER A 363 -16.06 -26.51 28.45
C SER A 363 -15.85 -25.68 29.72
N SER A 364 -14.62 -25.69 30.22
CA SER A 364 -14.30 -24.95 31.44
C SER A 364 -14.47 -23.45 31.25
N THR A 365 -14.49 -22.72 32.36
CA THR A 365 -14.63 -21.27 32.33
C THR A 365 -13.43 -20.67 31.59
N THR A 366 -12.26 -21.25 31.84
CA THR A 366 -11.01 -20.80 31.22
C THR A 366 -11.01 -20.89 29.70
N LEU A 367 -11.56 -21.97 29.16
CA LEU A 367 -11.61 -22.13 27.72
C LEU A 367 -12.69 -21.25 27.10
N LYS A 368 -13.81 -21.07 27.79
CA LYS A 368 -14.88 -20.24 27.26
C LYS A 368 -14.35 -18.81 27.13
N GLU A 369 -13.38 -18.46 27.96
CA GLU A 369 -12.80 -17.13 27.92
C GLU A 369 -11.74 -17.06 26.81
N GLU A 370 -10.96 -18.13 26.67
CA GLU A 370 -9.93 -18.17 25.64
C GLU A 370 -10.59 -18.22 24.26
N ALA A 371 -11.90 -18.49 24.25
CA ALA A 371 -12.66 -18.58 23.02
C ALA A 371 -13.63 -17.42 22.88
N SER A 372 -13.46 -16.41 23.72
CA SER A 372 -14.31 -15.21 23.70
C SER A 372 -13.43 -13.99 23.48
N TRP A 373 -13.87 -13.10 22.59
CA TRP A 373 -13.10 -11.90 22.28
C TRP A 373 -13.87 -10.60 22.38
N THR A 374 -13.24 -9.60 22.99
CA THR A 374 -13.85 -8.28 23.12
C THR A 374 -13.38 -7.50 21.89
N VAL A 375 -14.35 -6.95 21.16
CA VAL A 375 -14.04 -6.20 19.96
C VAL A 375 -13.91 -4.72 20.24
N VAL A 376 -12.72 -4.18 20.01
CA VAL A 376 -12.49 -2.77 20.24
C VAL A 376 -12.05 -2.10 18.95
N THR A 377 -12.32 -0.79 18.84
CA THR A 377 -11.97 -0.02 17.66
C THR A 377 -10.56 -0.32 17.15
N GLY A 378 -10.44 -0.62 15.85
CA GLY A 378 -9.16 -0.93 15.25
C GLY A 378 -7.99 -0.08 15.72
N LEU A 379 -7.03 -0.71 16.38
CA LEU A 379 -5.86 -0.03 16.91
C LEU A 379 -5.14 0.86 15.90
N ALA A 380 -5.12 0.47 14.63
CA ALA A 380 -4.46 1.27 13.60
C ALA A 380 -5.42 1.95 12.62
N ASN A 381 -6.71 1.63 12.71
CA ASN A 381 -7.70 2.25 11.84
C ASN A 381 -9.09 2.16 12.49
N SER A 382 -9.67 3.32 12.80
CA SER A 382 -10.96 3.37 13.46
C SER A 382 -12.11 2.69 12.70
N GLN A 383 -11.98 2.60 11.37
CA GLN A 383 -13.02 1.93 10.58
C GLN A 383 -13.09 0.45 10.95
N CYS A 384 -11.92 -0.16 11.14
CA CYS A 384 -11.81 -1.59 11.45
C CYS A 384 -11.77 -1.91 12.94
N PHE A 385 -11.30 -3.10 13.30
CA PHE A 385 -11.26 -3.53 14.70
C PHE A 385 -10.01 -4.30 15.09
N SER A 386 -9.86 -4.47 16.41
CA SER A 386 -8.77 -5.23 17.02
C SER A 386 -9.45 -6.17 18.01
N PHE A 387 -8.92 -7.38 18.16
CA PHE A 387 -9.52 -8.36 19.05
C PHE A 387 -8.76 -8.60 20.35
N GLU A 388 -9.44 -8.34 21.46
CA GLU A 388 -8.85 -8.49 22.78
C GLU A 388 -9.31 -9.74 23.52
N SER A 389 -8.36 -10.44 24.12
CA SER A 389 -8.66 -11.64 24.87
C SER A 389 -9.52 -11.33 26.08
N VAL A 390 -10.50 -12.19 26.33
CA VAL A 390 -11.37 -12.03 27.49
C VAL A 390 -10.60 -12.54 28.71
N ASP A 391 -9.95 -13.68 28.55
CA ASP A 391 -9.20 -14.27 29.64
C ASP A 391 -7.91 -13.51 29.90
N THR A 392 -7.33 -12.93 28.84
CA THR A 392 -6.09 -12.19 29.01
C THR A 392 -6.22 -10.75 28.51
N PRO A 393 -6.83 -9.89 29.32
CA PRO A 393 -7.00 -8.48 28.95
C PRO A 393 -5.64 -7.81 28.74
N GLY A 394 -5.62 -6.77 27.91
CA GLY A 394 -4.39 -6.05 27.65
C GLY A 394 -3.64 -6.63 26.48
N SER A 395 -4.10 -7.79 26.00
CA SER A 395 -3.50 -8.47 24.88
C SER A 395 -4.50 -8.64 23.75
N TYR A 396 -4.00 -8.57 22.51
CA TYR A 396 -4.85 -8.71 21.34
C TYR A 396 -4.27 -9.71 20.35
N ILE A 397 -5.08 -10.05 19.34
CA ILE A 397 -4.67 -10.97 18.29
C ILE A 397 -3.89 -10.17 17.28
N ARG A 398 -2.65 -10.58 17.03
CA ARG A 398 -1.79 -9.88 16.08
C ARG A 398 -1.05 -10.90 15.25
N HIS A 399 -0.66 -10.52 14.04
CA HIS A 399 0.08 -11.44 13.19
C HIS A 399 1.58 -11.16 13.35
N TYR A 400 2.38 -12.22 13.34
CA TYR A 400 3.82 -12.09 13.49
C TYR A 400 4.41 -13.16 12.60
N ASN A 401 5.19 -12.74 11.61
CA ASN A 401 5.76 -13.70 10.69
C ASN A 401 4.56 -14.45 10.09
N PHE A 402 3.42 -13.74 10.12
CA PHE A 402 2.13 -14.19 9.61
C PHE A 402 1.44 -15.29 10.40
N GLU A 403 1.66 -15.28 11.71
CA GLU A 403 1.02 -16.23 12.61
C GLU A 403 0.21 -15.43 13.60
N LEU A 404 -1.06 -15.79 13.77
CA LEU A 404 -1.87 -15.07 14.73
C LEU A 404 -1.46 -15.53 16.13
N LEU A 405 -1.00 -14.58 16.93
CA LEU A 405 -0.55 -14.85 18.30
C LEU A 405 -1.31 -13.95 19.22
N LEU A 406 -1.23 -14.23 20.53
CA LEU A 406 -1.92 -13.40 21.50
C LEU A 406 -0.88 -12.65 22.33
N ASN A 407 -0.53 -11.45 21.88
CA ASN A 407 0.45 -10.64 22.58
C ASN A 407 -0.12 -9.40 23.26
N ALA A 408 0.60 -8.89 24.25
CA ALA A 408 0.10 -7.71 24.95
C ALA A 408 0.38 -6.46 24.12
N ASN A 409 -0.60 -5.57 24.06
CA ASN A 409 -0.43 -4.33 23.33
C ASN A 409 0.68 -3.49 23.95
N ASP A 410 1.78 -3.31 23.22
CA ASP A 410 2.90 -2.53 23.74
C ASP A 410 2.80 -1.08 23.32
N GLY A 411 1.59 -0.64 22.96
CA GLY A 411 1.37 0.74 22.58
C GLY A 411 1.99 1.26 21.29
N THR A 412 2.93 0.51 20.72
CA THR A 412 3.61 0.94 19.49
C THR A 412 2.76 0.89 18.22
N LYS A 413 3.34 1.43 17.16
CA LYS A 413 2.73 1.49 15.84
C LYS A 413 2.72 0.11 15.21
N GLN A 414 3.83 -0.59 15.37
CA GLN A 414 3.95 -1.93 14.80
C GLN A 414 2.81 -2.80 15.32
N PHE A 415 2.72 -2.91 16.64
CA PHE A 415 1.68 -3.72 17.27
C PHE A 415 0.32 -3.27 16.77
N HIS A 416 0.09 -1.97 16.80
CA HIS A 416 -1.18 -1.45 16.37
C HIS A 416 -1.52 -1.97 14.96
N GLU A 417 -0.58 -1.84 14.03
CA GLU A 417 -0.83 -2.28 12.67
C GLU A 417 -0.95 -3.78 12.49
N ASP A 418 -0.27 -4.56 13.35
CA ASP A 418 -0.32 -6.02 13.25
C ASP A 418 -1.54 -6.58 13.97
N ALA A 419 -2.33 -5.72 14.60
CA ALA A 419 -3.48 -6.18 15.34
C ALA A 419 -4.81 -5.70 14.76
N THR A 420 -4.73 -4.90 13.70
CA THR A 420 -5.92 -4.35 13.06
C THR A 420 -6.44 -5.28 11.96
N PHE A 421 -7.73 -5.61 12.04
CA PHE A 421 -8.37 -6.47 11.06
C PHE A 421 -9.69 -5.87 10.60
N CYS A 422 -9.92 -5.91 9.29
CA CYS A 422 -11.13 -5.33 8.72
C CYS A 422 -12.14 -6.36 8.23
N PRO A 423 -13.40 -6.25 8.71
CA PRO A 423 -14.49 -7.14 8.35
C PRO A 423 -14.86 -7.06 6.88
N GLN A 424 -15.02 -8.22 6.26
CA GLN A 424 -15.39 -8.32 4.86
C GLN A 424 -16.41 -9.45 4.82
N ALA A 425 -17.44 -9.30 4.00
CA ALA A 425 -18.45 -10.33 3.88
C ALA A 425 -17.76 -11.66 3.55
N ALA A 426 -17.91 -12.65 4.43
CA ALA A 426 -17.31 -13.97 4.27
C ALA A 426 -17.20 -14.43 2.81
N LEU A 427 -16.03 -14.92 2.43
CA LEU A 427 -15.84 -15.37 1.06
C LEU A 427 -16.74 -16.56 0.72
N ASN A 428 -17.01 -17.44 1.68
CA ASN A 428 -17.88 -18.59 1.40
C ASN A 428 -19.33 -18.21 1.67
N GLY A 429 -19.53 -17.01 2.21
CA GLY A 429 -20.87 -16.54 2.48
C GLY A 429 -21.39 -16.73 3.89
N GLU A 430 -20.64 -17.46 4.72
CA GLU A 430 -21.08 -17.72 6.08
C GLU A 430 -20.33 -16.89 7.12
N GLY A 431 -20.88 -15.73 7.45
CA GLY A 431 -20.27 -14.88 8.45
C GLY A 431 -19.36 -13.79 7.91
N THR A 432 -18.20 -13.65 8.54
CA THR A 432 -17.24 -12.63 8.15
C THR A 432 -15.88 -13.20 7.76
N SER A 433 -15.14 -12.41 7.00
CA SER A 433 -13.78 -12.75 6.61
C SER A 433 -12.94 -11.60 7.15
N LEU A 434 -12.10 -11.88 8.14
CA LEU A 434 -11.26 -10.87 8.76
C LEU A 434 -9.96 -10.61 7.99
N ARG A 435 -9.96 -9.54 7.18
CA ARG A 435 -8.81 -9.17 6.36
C ARG A 435 -7.79 -8.33 7.12
N SER A 436 -6.51 -8.65 7.01
CA SER A 436 -5.51 -7.85 7.69
C SER A 436 -5.58 -6.45 7.10
N TRP A 437 -5.21 -5.46 7.88
CA TRP A 437 -5.24 -4.09 7.38
C TRP A 437 -3.87 -3.73 6.83
N SER A 438 -2.82 -4.11 7.55
CA SER A 438 -1.46 -3.83 7.14
C SER A 438 -0.99 -4.74 6.01
N TYR A 439 -1.77 -5.81 5.75
CA TYR A 439 -1.48 -6.78 4.68
C TYR A 439 -2.77 -7.27 4.02
N PRO A 440 -3.53 -6.36 3.41
CA PRO A 440 -4.80 -6.64 2.73
C PRO A 440 -4.88 -7.91 1.88
N THR A 441 -3.77 -8.59 1.65
CA THR A 441 -3.83 -9.80 0.86
C THR A 441 -3.97 -11.01 1.78
N ARG A 442 -3.95 -10.76 3.09
CA ARG A 442 -4.04 -11.82 4.08
C ARG A 442 -5.28 -11.74 4.97
N TYR A 443 -5.85 -12.90 5.28
CA TYR A 443 -7.06 -13.00 6.08
C TYR A 443 -6.88 -13.98 7.25
N PHE A 444 -7.76 -13.87 8.26
CA PHE A 444 -7.71 -14.80 9.38
C PHE A 444 -7.90 -16.11 8.65
N ARG A 445 -7.06 -17.09 8.94
CA ARG A 445 -7.18 -18.38 8.26
C ARG A 445 -6.69 -19.53 9.11
N HIS A 446 -7.50 -20.57 9.24
CA HIS A 446 -7.09 -21.74 10.01
C HIS A 446 -6.48 -22.79 9.07
N TYR A 447 -5.33 -23.32 9.46
CA TYR A 447 -4.61 -24.33 8.69
C TYR A 447 -4.12 -25.35 9.71
N GLU A 448 -4.78 -26.50 9.74
CA GLU A 448 -4.42 -27.55 10.68
C GLU A 448 -4.67 -27.03 12.09
N ASN A 449 -5.82 -26.38 12.27
CA ASN A 449 -6.26 -25.85 13.56
C ASN A 449 -5.44 -24.73 14.22
N VAL A 450 -4.61 -24.05 13.43
CA VAL A 450 -3.80 -22.94 13.92
C VAL A 450 -4.09 -21.70 13.07
N LEU A 451 -4.23 -20.54 13.70
CA LEU A 451 -4.55 -19.34 12.94
C LEU A 451 -3.35 -18.63 12.31
N TYR A 452 -3.52 -18.24 11.05
CA TYR A 452 -2.48 -17.55 10.32
C TYR A 452 -3.05 -16.35 9.59
N ALA A 453 -2.18 -15.44 9.20
CA ALA A 453 -2.59 -14.26 8.41
C ALA A 453 -2.24 -14.75 7.00
N ALA A 454 -3.09 -15.62 6.47
CA ALA A 454 -2.90 -16.25 5.16
C ALA A 454 -3.47 -15.56 3.93
N SER A 455 -2.77 -15.77 2.82
CA SER A 455 -3.15 -15.23 1.52
C SER A 455 -3.67 -16.41 0.71
N ASN A 456 -4.55 -16.13 -0.26
CA ASN A 456 -5.11 -17.17 -1.10
C ASN A 456 -4.01 -17.62 -2.08
N GLY A 457 -3.15 -18.53 -1.62
CA GLY A 457 -2.05 -19.00 -2.44
C GLY A 457 -0.80 -18.17 -2.14
N GLY A 458 0.28 -18.82 -1.75
CA GLY A 458 1.49 -18.06 -1.44
C GLY A 458 2.69 -18.92 -1.16
N VAL A 459 3.77 -18.32 -0.68
CA VAL A 459 5.00 -19.08 -0.41
C VAL A 459 5.02 -19.82 0.93
N GLN A 460 4.04 -19.57 1.79
CA GLN A 460 3.99 -20.31 3.06
C GLN A 460 3.07 -21.52 2.88
N THR A 461 3.36 -22.61 3.58
CA THR A 461 2.51 -23.79 3.43
C THR A 461 1.07 -23.47 3.79
N PHE A 462 0.86 -22.58 4.75
CA PHE A 462 -0.50 -22.25 5.16
C PHE A 462 -1.21 -21.27 4.24
N ASP A 463 -0.54 -20.85 3.18
CA ASP A 463 -1.12 -19.94 2.19
C ASP A 463 -1.90 -20.78 1.19
N SER A 464 -1.94 -22.09 1.42
CA SER A 464 -2.63 -22.99 0.50
C SER A 464 -4.00 -22.54 0.01
N LYS A 465 -4.23 -22.71 -1.29
CA LYS A 465 -5.51 -22.34 -1.89
C LYS A 465 -6.56 -23.40 -1.61
N THR A 466 -6.12 -24.54 -1.09
CA THR A 466 -7.02 -25.62 -0.78
C THR A 466 -7.86 -25.30 0.44
N SER A 467 -9.16 -25.11 0.23
CA SER A 467 -10.12 -24.82 1.29
C SER A 467 -9.97 -23.41 1.87
N PHE A 468 -9.32 -22.54 1.11
CA PHE A 468 -9.09 -21.16 1.51
C PHE A 468 -10.35 -20.39 1.91
N ASN A 469 -11.28 -20.26 0.96
CA ASN A 469 -12.54 -19.56 1.20
C ASN A 469 -13.28 -20.02 2.45
N ASN A 470 -13.28 -21.33 2.71
CA ASN A 470 -13.93 -21.84 3.91
C ASN A 470 -13.08 -21.54 5.14
N ASP A 471 -11.78 -21.69 5.00
CA ASP A 471 -10.87 -21.44 6.11
C ASP A 471 -10.80 -19.97 6.51
N VAL A 472 -11.37 -19.07 5.70
CA VAL A 472 -11.34 -17.66 6.06
C VAL A 472 -12.72 -17.07 6.30
N SER A 473 -13.71 -17.94 6.46
CA SER A 473 -15.07 -17.49 6.74
C SER A 473 -15.46 -17.95 8.13
N PHE A 474 -15.86 -17.01 8.98
CA PHE A 474 -16.24 -17.32 10.35
C PHE A 474 -17.59 -16.72 10.70
N GLU A 475 -18.35 -17.43 11.53
CA GLU A 475 -19.66 -16.97 11.97
C GLU A 475 -19.54 -16.26 13.31
N ILE A 476 -20.06 -15.03 13.37
CA ILE A 476 -20.04 -14.26 14.61
C ILE A 476 -21.16 -14.78 15.50
N GLU A 477 -20.82 -15.34 16.65
CA GLU A 477 -21.83 -15.86 17.57
C GLU A 477 -21.60 -15.38 18.99
N THR A 478 -22.60 -15.54 19.83
CA THR A 478 -22.53 -15.14 21.22
C THR A 478 -21.28 -15.66 21.92
N ALA A 479 -20.61 -14.78 22.65
CA ALA A 479 -19.40 -15.14 23.37
C ALA A 479 -19.67 -16.18 24.44
N PHE A 480 -18.81 -17.19 24.53
CA PHE A 480 -18.95 -18.22 25.56
C PHE A 480 -18.74 -17.59 26.93
N ALA A 481 -17.86 -16.60 26.98
CA ALA A 481 -17.58 -15.89 28.23
C ALA A 481 -18.70 -14.91 28.48
N SER A 482 -19.93 -15.37 28.25
CA SER A 482 -21.16 -14.58 28.45
C SER A 482 -21.16 -13.26 27.66
#